data_8TSE
#
_entry.id   8TSE
#
_cell.length_a   51.950
_cell.length_b   60.870
_cell.length_c   124.990
_cell.angle_alpha   90.00
_cell.angle_beta   90.00
_cell.angle_gamma   90.00
#
_symmetry.space_group_name_H-M   'P 21 21 21'
#
loop_
_entity.id
_entity.type
_entity.pdbx_description
1 polymer 'Multidomain esterase'
2 non-polymer GLYCEROL
3 water water
#
_entity_poly.entity_id   1
_entity_poly.type   'polypeptide(L)'
_entity_poly.pdbx_seq_one_letter_code
;MSYNFPAVNQLKSSKDIPDPFIFMDGSKVESTDDWWKRQSEISCMYEYYMYGKWIDGSDDETTYSISGNSMTINVKRKST
GKTASFKAVINLPKNVRHEGGAPVILGMHKGISESTATSNGYAVITYDSDGMFSAPGTAQDNNQHKGAFYDLYPYGRNWD
EQTGDLMAWSWGISRILDALYNGAAKELNINPDSSIVTGVSRYGKAASVCGAFDTRIKMCAPSCSGAGGLALYRYSSVGK
TYDFSSKGGSSSYTYKENEPLGSLQASGEQGWFNGRFMEFRNAEQFPMDQHMLGALCCDPDRYLFIIGSCESEDWVNAPS
VWMAYLGMKHVWDYVGISDHLAINIHKSGHAVIAEDIEKMVQYFDYHVYGIQPKMNLEELQTSVFALPKNKDSFADTFAS
KWLYDPAFLYKVPAFLYKVVIMHHHHHH
;
_entity_poly.pdbx_strand_id   A
#
loop_
_chem_comp.id
_chem_comp.type
_chem_comp.name
_chem_comp.formula
GOL non-polymer GLYCEROL 'C3 H8 O3'
#
# COMPACT_ATOMS: atom_id res chain seq x y z
N SER A 2 13.30 14.14 -9.45
CA SER A 2 14.44 14.90 -8.95
C SER A 2 14.76 14.47 -7.53
N TYR A 3 16.05 14.46 -7.18
CA TYR A 3 16.46 14.03 -5.84
C TYR A 3 17.37 15.05 -5.16
N ASN A 4 17.25 16.32 -5.54
CA ASN A 4 18.07 17.38 -4.95
C ASN A 4 17.47 17.86 -3.63
N PHE A 5 17.40 16.93 -2.68
CA PHE A 5 16.68 17.15 -1.44
C PHE A 5 17.64 17.37 -0.28
N PRO A 6 17.21 18.09 0.75
CA PRO A 6 18.09 18.34 1.91
C PRO A 6 18.39 17.09 2.70
N ALA A 7 19.54 17.09 3.37
CA ALA A 7 19.86 16.01 4.29
C ALA A 7 18.91 16.02 5.47
N VAL A 8 18.74 14.84 6.10
CA VAL A 8 17.79 14.69 7.19
C VAL A 8 18.09 15.65 8.32
N ASN A 9 19.38 15.85 8.63
CA ASN A 9 19.70 16.75 9.74
C ASN A 9 19.45 18.22 9.43
N GLN A 10 19.07 18.55 8.18
CA GLN A 10 18.71 19.91 7.80
C GLN A 10 17.21 20.14 7.74
N LEU A 11 16.41 19.12 8.04
CA LEU A 11 14.96 19.23 7.89
C LEU A 11 14.33 19.97 9.08
N LYS A 12 13.41 20.88 8.78
CA LYS A 12 12.58 21.50 9.80
C LYS A 12 11.62 20.48 10.39
N SER A 13 11.31 20.65 11.67
CA SER A 13 10.39 19.76 12.37
CA SER A 13 10.41 19.77 12.39
C SER A 13 9.07 20.47 12.62
N SER A 14 7.97 19.75 12.42
CA SER A 14 6.66 20.32 12.67
C SER A 14 5.69 19.22 13.08
N LYS A 15 4.87 19.54 14.08
CA LYS A 15 3.80 18.65 14.50
C LYS A 15 2.63 18.66 13.53
N ASP A 16 2.51 19.69 12.70
CA ASP A 16 1.40 19.76 11.75
C ASP A 16 1.50 18.62 10.74
N ILE A 17 0.33 18.15 10.29
CA ILE A 17 0.29 17.21 9.17
C ILE A 17 0.62 17.97 7.89
N PRO A 18 1.68 17.59 7.18
CA PRO A 18 2.09 18.37 6.00
C PRO A 18 1.01 18.46 4.94
N ASP A 19 0.92 19.64 4.32
CA ASP A 19 -0.03 19.90 3.25
C ASP A 19 0.42 19.19 1.98
N PRO A 20 -0.38 18.28 1.42
CA PRO A 20 0.02 17.65 0.15
C PRO A 20 0.09 18.64 -0.99
N PHE A 21 -0.49 19.83 -0.85
CA PHE A 21 -0.57 20.80 -1.92
C PHE A 21 0.55 21.84 -1.90
N ILE A 22 1.54 21.69 -1.01
CA ILE A 22 2.71 22.57 -0.98
C ILE A 22 3.93 21.77 -1.39
N PHE A 23 4.60 22.22 -2.45
CA PHE A 23 5.84 21.61 -2.90
C PHE A 23 6.95 21.81 -1.87
N MET A 24 8.03 21.04 -2.03
CA MET A 24 9.17 21.13 -1.13
C MET A 24 9.73 22.54 -1.08
N ASP A 25 9.81 23.21 -2.23
CA ASP A 25 10.39 24.55 -2.25
C ASP A 25 9.41 25.63 -1.77
N GLY A 26 8.22 25.24 -1.31
CA GLY A 26 7.24 26.20 -0.83
C GLY A 26 6.24 26.67 -1.87
N SER A 27 6.45 26.37 -3.14
CA SER A 27 5.48 26.74 -4.16
C SER A 27 4.19 25.93 -3.98
N LYS A 28 3.14 26.40 -4.63
CA LYS A 28 1.79 25.92 -4.37
C LYS A 28 1.24 25.13 -5.57
N VAL A 29 0.48 24.09 -5.28
CA VAL A 29 -0.35 23.45 -6.28
C VAL A 29 -1.53 24.38 -6.55
N GLU A 30 -1.68 24.82 -7.80
CA GLU A 30 -2.75 25.73 -8.18
C GLU A 30 -3.61 25.19 -9.31
N SER A 31 -3.41 23.93 -9.70
CA SER A 31 -4.18 23.31 -10.75
C SER A 31 -4.00 21.81 -10.64
N THR A 32 -4.87 21.06 -11.32
CA THR A 32 -4.68 19.61 -11.34
C THR A 32 -3.39 19.22 -12.04
N ASP A 33 -2.98 19.98 -13.06
CA ASP A 33 -1.68 19.73 -13.67
C ASP A 33 -0.55 19.93 -12.68
N ASP A 34 -0.67 20.94 -11.80
CA ASP A 34 0.30 21.09 -10.73
C ASP A 34 0.30 19.88 -9.80
N TRP A 35 -0.88 19.31 -9.53
CA TRP A 35 -0.93 18.15 -8.65
C TRP A 35 -0.13 16.98 -9.22
N TRP A 36 -0.26 16.71 -10.52
CA TRP A 36 0.51 15.61 -11.10
C TRP A 36 2.01 15.82 -10.94
N LYS A 37 2.48 17.07 -11.04
CA LYS A 37 3.89 17.36 -10.78
C LYS A 37 4.23 17.14 -9.31
N ARG A 38 3.35 17.57 -8.40
CA ARG A 38 3.60 17.37 -6.98
C ARG A 38 3.60 15.89 -6.63
N GLN A 39 2.72 15.11 -7.26
CA GLN A 39 2.70 13.68 -7.04
C GLN A 39 4.04 13.04 -7.42
N SER A 40 4.62 13.47 -8.54
CA SER A 40 5.93 12.97 -8.93
CA SER A 40 5.93 12.98 -8.94
C SER A 40 7.00 13.34 -7.91
N GLU A 41 6.94 14.56 -7.37
CA GLU A 41 7.90 14.97 -6.34
C GLU A 41 7.75 14.11 -5.08
N ILE A 42 6.51 13.90 -4.65
CA ILE A 42 6.26 13.08 -3.46
C ILE A 42 6.84 11.69 -3.65
N SER A 43 6.67 11.12 -4.85
CA SER A 43 7.22 9.81 -5.15
C SER A 43 8.74 9.81 -4.95
N CYS A 44 9.42 10.81 -5.49
CA CYS A 44 10.88 10.90 -5.32
C CYS A 44 11.27 11.09 -3.86
N MET A 45 10.50 11.87 -3.10
CA MET A 45 10.79 12.06 -1.67
C MET A 45 10.71 10.76 -0.90
N TYR A 46 9.71 9.92 -1.21
CA TYR A 46 9.59 8.63 -0.53
C TYR A 46 10.77 7.72 -0.86
N GLU A 47 11.26 7.74 -2.10
CA GLU A 47 12.46 7.00 -2.43
C GLU A 47 13.64 7.49 -1.59
N TYR A 48 13.80 8.81 -1.54
CA TYR A 48 15.00 9.41 -0.94
C TYR A 48 15.02 9.22 0.57
N TYR A 49 13.90 9.43 1.24
CA TYR A 49 13.89 9.53 2.69
C TYR A 49 13.44 8.27 3.41
N MET A 50 12.81 7.32 2.72
CA MET A 50 12.11 6.26 3.43
C MET A 50 12.33 4.84 2.88
N TYR A 51 12.09 4.63 1.57
CA TYR A 51 12.04 3.27 1.06
C TYR A 51 13.22 2.89 0.17
N GLY A 52 13.94 3.86 -0.37
CA GLY A 52 15.05 3.57 -1.26
C GLY A 52 14.71 3.79 -2.72
N LYS A 53 15.70 3.52 -3.58
CA LYS A 53 15.55 3.79 -5.01
C LYS A 53 14.61 2.78 -5.67
N TRP A 54 13.53 3.27 -6.27
CA TRP A 54 12.61 2.38 -6.96
C TRP A 54 13.26 1.84 -8.23
N ILE A 55 13.18 0.52 -8.43
CA ILE A 55 13.68 -0.15 -9.63
C ILE A 55 12.44 -0.46 -10.46
N ASP A 56 12.29 0.26 -11.57
CA ASP A 56 11.01 0.31 -12.31
C ASP A 56 10.90 -0.70 -13.44
N GLY A 57 11.88 -1.58 -13.62
CA GLY A 57 11.83 -2.58 -14.67
C GLY A 57 12.40 -2.14 -16.01
N SER A 58 12.89 -0.90 -16.11
CA SER A 58 13.54 -0.44 -17.33
C SER A 58 14.71 -1.32 -17.74
N ASP A 59 15.34 -2.02 -16.80
CA ASP A 59 16.51 -2.86 -17.05
C ASP A 59 16.19 -4.35 -16.92
N ASP A 60 14.92 -4.74 -16.86
CA ASP A 60 14.53 -6.11 -16.58
C ASP A 60 13.81 -6.74 -17.77
N GLU A 61 14.20 -7.98 -18.11
CA GLU A 61 13.51 -8.81 -19.10
C GLU A 61 12.99 -10.05 -18.40
N THR A 62 11.69 -10.27 -18.48
CA THR A 62 11.02 -11.30 -17.69
C THR A 62 10.47 -12.41 -18.58
N THR A 63 10.73 -13.65 -18.19
CA THR A 63 10.11 -14.83 -18.78
C THR A 63 9.53 -15.67 -17.65
N TYR A 64 8.80 -16.73 -17.99
CA TYR A 64 8.12 -17.50 -16.97
C TYR A 64 7.91 -18.93 -17.45
N SER A 65 7.55 -19.80 -16.49
CA SER A 65 7.05 -21.13 -16.79
C SER A 65 6.00 -21.48 -15.75
N ILE A 66 5.07 -22.35 -16.14
CA ILE A 66 3.96 -22.77 -15.30
C ILE A 66 3.91 -24.29 -15.27
N SER A 67 3.88 -24.85 -14.07
CA SER A 67 3.71 -26.29 -13.88
C SER A 67 2.63 -26.46 -12.83
N GLY A 68 1.45 -26.90 -13.25
CA GLY A 68 0.33 -26.95 -12.33
C GLY A 68 0.03 -25.55 -11.80
N ASN A 69 -0.05 -25.43 -10.48
CA ASN A 69 -0.29 -24.14 -9.83
CA ASN A 69 -0.29 -24.12 -9.87
C ASN A 69 1.00 -23.42 -9.44
N SER A 70 2.15 -23.93 -9.85
CA SER A 70 3.44 -23.33 -9.50
C SER A 70 3.97 -22.53 -10.68
N MET A 71 4.28 -21.26 -10.44
CA MET A 71 4.78 -20.35 -11.46
C MET A 71 6.22 -19.97 -11.11
N THR A 72 7.12 -20.10 -12.08
CA THR A 72 8.49 -19.64 -11.93
C THR A 72 8.65 -18.37 -12.76
N ILE A 73 9.16 -17.32 -12.11
CA ILE A 73 9.44 -16.04 -12.77
C ILE A 73 10.95 -15.93 -12.93
N ASN A 74 11.41 -15.74 -14.17
CA ASN A 74 12.82 -15.60 -14.48
C ASN A 74 13.09 -14.19 -14.98
N VAL A 75 14.08 -13.53 -14.39
CA VAL A 75 14.38 -12.14 -14.73
C VAL A 75 15.85 -12.02 -15.11
N LYS A 76 16.11 -11.36 -16.24
CA LYS A 76 17.45 -11.01 -16.65
C LYS A 76 17.59 -9.49 -16.57
N ARG A 77 18.63 -9.02 -15.89
CA ARG A 77 18.98 -7.61 -15.94
C ARG A 77 19.78 -7.36 -17.22
N LYS A 78 19.21 -6.56 -18.11
CA LYS A 78 19.74 -6.43 -19.47
C LYS A 78 21.15 -5.86 -19.50
N SER A 79 21.43 -4.85 -18.67
CA SER A 79 22.74 -4.18 -18.79
C SER A 79 23.86 -5.04 -18.24
N THR A 80 23.57 -5.91 -17.28
CA THR A 80 24.61 -6.72 -16.65
C THR A 80 24.62 -8.16 -17.11
N GLY A 81 23.54 -8.65 -17.71
CA GLY A 81 23.43 -10.04 -18.11
C GLY A 81 23.13 -11.01 -16.99
N LYS A 82 23.01 -10.54 -15.75
CA LYS A 82 22.76 -11.43 -14.62
C LYS A 82 21.30 -11.87 -14.61
N THR A 83 21.05 -13.07 -14.06
CA THR A 83 19.72 -13.63 -14.02
C THR A 83 19.39 -14.08 -12.61
N ALA A 84 18.09 -14.06 -12.31
CA ALA A 84 17.58 -14.55 -11.02
C ALA A 84 16.19 -15.11 -11.25
N SER A 85 15.69 -15.87 -10.28
CA SER A 85 14.40 -16.52 -10.40
CA SER A 85 14.38 -16.48 -10.41
C SER A 85 13.71 -16.56 -9.05
N PHE A 86 12.38 -16.61 -9.07
CA PHE A 86 11.59 -16.77 -7.85
C PHE A 86 10.26 -17.43 -8.18
N LYS A 87 9.57 -17.87 -7.12
CA LYS A 87 8.39 -18.72 -7.24
C LYS A 87 7.11 -18.01 -6.81
N ALA A 88 6.01 -18.32 -7.50
CA ALA A 88 4.68 -17.82 -7.19
C ALA A 88 3.68 -18.97 -7.26
N VAL A 89 2.47 -18.73 -6.72
CA VAL A 89 1.42 -19.74 -6.61
C VAL A 89 0.17 -19.20 -7.31
N ILE A 90 -0.43 -20.02 -8.19
CA ILE A 90 -1.58 -19.64 -8.99
C ILE A 90 -2.84 -20.24 -8.37
N ASN A 91 -3.90 -19.43 -8.29
CA ASN A 91 -5.22 -19.85 -7.85
C ASN A 91 -6.22 -19.33 -8.87
N LEU A 92 -6.82 -20.25 -9.70
CA LEU A 92 -7.74 -19.76 -10.72
C LEU A 92 -9.18 -20.03 -10.32
N PRO A 93 -10.11 -19.19 -10.75
CA PRO A 93 -11.52 -19.48 -10.54
C PRO A 93 -11.97 -20.62 -11.45
N LYS A 94 -12.89 -21.43 -10.92
CA LYS A 94 -13.44 -22.51 -11.74
C LYS A 94 -14.23 -21.95 -12.91
N ASN A 95 -14.90 -20.81 -12.72
CA ASN A 95 -15.72 -20.19 -13.73
C ASN A 95 -15.31 -18.74 -13.92
N VAL A 96 -14.90 -18.39 -15.13
CA VAL A 96 -14.60 -17.01 -15.48
C VAL A 96 -15.89 -16.35 -15.94
N ARG A 97 -16.22 -15.20 -15.35
CA ARG A 97 -17.46 -14.50 -15.64
C ARG A 97 -17.26 -13.09 -16.20
N HIS A 98 -16.02 -12.66 -16.40
CA HIS A 98 -15.73 -11.35 -16.96
C HIS A 98 -15.22 -11.54 -18.38
N GLU A 99 -15.81 -10.81 -19.32
CA GLU A 99 -15.29 -10.83 -20.68
C GLU A 99 -13.88 -10.24 -20.69
N GLY A 100 -12.96 -10.92 -21.38
CA GLY A 100 -11.58 -10.53 -21.41
C GLY A 100 -10.70 -11.23 -20.39
N GLY A 101 -11.27 -12.06 -19.53
CA GLY A 101 -10.50 -12.84 -18.58
C GLY A 101 -10.76 -12.40 -17.14
N ALA A 102 -10.35 -13.27 -16.22
CA ALA A 102 -10.57 -13.01 -14.81
C ALA A 102 -9.68 -11.85 -14.33
N PRO A 103 -10.21 -10.96 -13.49
CA PRO A 103 -9.33 -10.05 -12.74
C PRO A 103 -8.36 -10.87 -11.90
N VAL A 104 -7.22 -10.25 -11.55
CA VAL A 104 -6.18 -10.96 -10.82
C VAL A 104 -5.75 -10.14 -9.60
N ILE A 105 -5.78 -10.79 -8.45
CA ILE A 105 -5.21 -10.25 -7.22
C ILE A 105 -3.79 -10.77 -7.10
N LEU A 106 -2.82 -9.84 -7.08
CA LEU A 106 -1.42 -10.16 -6.89
C LEU A 106 -1.12 -10.01 -5.41
N GLY A 107 -0.79 -11.11 -4.73
CA GLY A 107 -0.62 -11.13 -3.29
C GLY A 107 0.83 -11.24 -2.86
N MET A 108 1.18 -10.50 -1.79
CA MET A 108 2.53 -10.58 -1.24
C MET A 108 2.82 -11.92 -0.57
N HIS A 109 1.79 -12.69 -0.23
CA HIS A 109 1.96 -13.96 0.46
C HIS A 109 0.68 -14.78 0.30
N LYS A 110 0.81 -16.08 0.53
CA LYS A 110 -0.35 -16.96 0.65
C LYS A 110 -1.18 -16.59 1.88
N GLY A 111 -2.44 -17.00 1.85
CA GLY A 111 -3.31 -16.84 3.01
C GLY A 111 -3.97 -15.49 3.07
N ILE A 112 -4.68 -15.14 1.99
CA ILE A 112 -5.36 -13.86 1.85
C ILE A 112 -6.79 -14.12 1.37
N SER A 113 -7.41 -15.17 1.89
CA SER A 113 -8.79 -15.54 1.53
C SER A 113 -8.91 -15.88 0.05
N GLU A 114 -7.91 -16.60 -0.48
CA GLU A 114 -7.87 -16.96 -1.89
C GLU A 114 -9.17 -17.61 -2.35
N SER A 115 -9.72 -18.53 -1.54
CA SER A 115 -10.91 -19.27 -1.96
C SER A 115 -12.12 -18.37 -2.08
N THR A 116 -12.20 -17.29 -1.29
CA THR A 116 -13.28 -16.33 -1.47
C THR A 116 -13.12 -15.60 -2.80
N ALA A 117 -11.89 -15.27 -3.18
CA ALA A 117 -11.67 -14.61 -4.47
C ALA A 117 -12.05 -15.53 -5.62
N THR A 118 -11.56 -16.77 -5.61
CA THR A 118 -11.82 -17.66 -6.74
C THR A 118 -13.29 -18.03 -6.84
N SER A 119 -13.97 -18.20 -5.70
CA SER A 119 -15.41 -18.45 -5.72
CA SER A 119 -15.40 -18.46 -5.74
C SER A 119 -16.16 -17.29 -6.37
N ASN A 120 -15.61 -16.09 -6.33
CA ASN A 120 -16.22 -14.92 -6.93
C ASN A 120 -15.66 -14.60 -8.32
N GLY A 121 -14.91 -15.52 -8.92
CA GLY A 121 -14.45 -15.35 -10.28
C GLY A 121 -13.14 -14.63 -10.47
N TYR A 122 -12.43 -14.31 -9.38
CA TYR A 122 -11.16 -13.59 -9.45
C TYR A 122 -10.02 -14.59 -9.29
N ALA A 123 -8.98 -14.43 -10.12
CA ALA A 123 -7.75 -15.19 -9.94
C ALA A 123 -6.88 -14.54 -8.86
N VAL A 124 -6.02 -15.35 -8.23
CA VAL A 124 -5.07 -14.86 -7.24
C VAL A 124 -3.71 -15.49 -7.55
N ILE A 125 -2.69 -14.67 -7.71
CA ILE A 125 -1.31 -15.15 -7.84
C ILE A 125 -0.52 -14.49 -6.72
N THR A 126 0.10 -15.30 -5.86
CA THR A 126 0.86 -14.79 -4.73
C THR A 126 2.29 -15.29 -4.79
N TYR A 127 3.19 -14.58 -4.12
CA TYR A 127 4.47 -15.18 -3.83
C TYR A 127 4.25 -16.51 -3.10
N ASP A 128 5.19 -17.44 -3.29
CA ASP A 128 5.18 -18.71 -2.55
C ASP A 128 5.79 -18.47 -1.16
N SER A 129 5.05 -17.70 -0.36
CA SER A 129 5.45 -17.19 0.94
C SER A 129 4.31 -17.34 1.92
N ASP A 130 4.61 -17.68 3.17
CA ASP A 130 3.59 -17.72 4.21
C ASP A 130 3.41 -16.38 4.94
N GLY A 131 4.13 -15.33 4.55
CA GLY A 131 4.03 -14.06 5.23
C GLY A 131 4.74 -13.98 6.57
N MET A 132 5.61 -14.94 6.89
CA MET A 132 6.27 -14.94 8.19
C MET A 132 7.59 -15.68 8.14
N PHE A 133 7.55 -17.02 8.29
CA PHE A 133 8.77 -17.81 8.35
C PHE A 133 9.46 -17.91 6.98
N SER A 134 8.70 -17.84 5.90
CA SER A 134 9.24 -17.87 4.53
CA SER A 134 9.25 -17.87 4.54
C SER A 134 8.82 -16.59 3.83
N ALA A 135 9.78 -15.69 3.62
CA ALA A 135 9.53 -14.44 2.92
C ALA A 135 9.48 -14.69 1.41
N PRO A 136 8.94 -13.74 0.64
CA PRO A 136 9.04 -13.83 -0.83
C PRO A 136 10.47 -14.08 -1.29
N GLY A 137 10.60 -14.84 -2.37
CA GLY A 137 11.92 -15.21 -2.86
C GLY A 137 12.76 -14.04 -3.32
N THR A 138 12.15 -12.89 -3.59
CA THR A 138 12.89 -11.72 -4.01
C THR A 138 13.76 -11.14 -2.89
N ALA A 139 13.39 -11.33 -1.61
CA ALA A 139 14.19 -10.79 -0.53
C ALA A 139 13.85 -11.49 0.77
N GLN A 140 14.86 -12.00 1.46
CA GLN A 140 14.67 -12.46 2.83
C GLN A 140 14.23 -11.29 3.71
N ASP A 141 13.43 -11.61 4.72
CA ASP A 141 12.94 -10.60 5.67
C ASP A 141 14.01 -10.35 6.73
N ASN A 142 15.04 -9.60 6.34
CA ASN A 142 16.09 -9.20 7.29
C ASN A 142 16.86 -8.02 6.71
N ASN A 143 17.84 -7.53 7.48
CA ASN A 143 18.57 -6.33 7.12
C ASN A 143 19.85 -6.60 6.33
N GLN A 144 20.04 -7.82 5.82
CA GLN A 144 21.23 -8.15 5.05
C GLN A 144 21.00 -8.16 3.54
N HIS A 145 19.76 -8.00 3.09
CA HIS A 145 19.41 -7.78 1.68
C HIS A 145 19.95 -8.89 0.77
N LYS A 146 19.33 -10.06 0.94
CA LYS A 146 19.67 -11.25 0.17
C LYS A 146 18.41 -11.79 -0.48
N GLY A 147 18.52 -12.23 -1.73
CA GLY A 147 17.39 -12.77 -2.47
C GLY A 147 17.43 -12.40 -3.94
N ALA A 148 16.40 -12.81 -4.69
CA ALA A 148 16.47 -12.71 -6.14
C ALA A 148 16.59 -11.26 -6.61
N PHE A 149 15.88 -10.34 -5.95
CA PHE A 149 16.03 -8.93 -6.30
C PHE A 149 17.46 -8.43 -6.10
N TYR A 150 18.05 -8.74 -4.94
CA TYR A 150 19.39 -8.25 -4.61
C TYR A 150 20.48 -8.94 -5.42
N ASP A 151 20.21 -10.14 -5.94
CA ASP A 151 21.13 -10.76 -6.90
C ASP A 151 21.30 -9.90 -8.15
N LEU A 152 20.28 -9.14 -8.53
CA LEU A 152 20.35 -8.26 -9.69
C LEU A 152 20.65 -6.80 -9.35
N TYR A 153 20.18 -6.34 -8.18
CA TYR A 153 20.31 -4.95 -7.74
C TYR A 153 20.90 -4.95 -6.34
N PRO A 154 22.22 -5.10 -6.23
CA PRO A 154 22.82 -5.24 -4.90
C PRO A 154 22.65 -3.98 -4.06
N TYR A 155 22.51 -4.19 -2.76
CA TYR A 155 22.34 -3.09 -1.81
C TYR A 155 23.71 -2.50 -1.50
N GLY A 156 23.97 -1.29 -2.00
CA GLY A 156 25.28 -0.68 -1.92
C GLY A 156 25.37 0.45 -0.91
N ARG A 157 26.34 1.33 -1.14
CA ARG A 157 26.73 2.38 -0.20
C ARG A 157 26.07 3.73 -0.44
N ASN A 158 25.87 4.14 -1.69
CA ASN A 158 25.19 5.39 -1.94
C ASN A 158 23.67 5.20 -1.85
N TRP A 159 22.95 6.29 -1.59
CA TRP A 159 21.51 6.18 -1.39
C TRP A 159 20.82 5.57 -2.62
N ASP A 160 21.28 5.92 -3.82
CA ASP A 160 20.67 5.39 -5.05
C ASP A 160 20.96 3.91 -5.25
N GLU A 161 21.92 3.37 -4.51
CA GLU A 161 22.24 1.95 -4.54
C GLU A 161 21.51 1.16 -3.48
N GLN A 162 20.65 1.82 -2.69
CA GLN A 162 19.94 1.18 -1.58
C GLN A 162 18.46 1.15 -1.89
N THR A 163 17.92 -0.05 -2.07
CA THR A 163 16.49 -0.28 -2.23
C THR A 163 16.08 -1.22 -1.11
N GLY A 164 15.14 -0.80 -0.25
CA GLY A 164 14.77 -1.59 0.92
C GLY A 164 13.92 -2.81 0.57
N ASP A 165 13.65 -3.64 1.60
CA ASP A 165 12.96 -4.91 1.35
C ASP A 165 11.54 -4.67 0.83
N LEU A 166 10.86 -3.61 1.28
CA LEU A 166 9.49 -3.39 0.79
C LEU A 166 9.48 -3.16 -0.71
N MET A 167 10.45 -2.40 -1.22
CA MET A 167 10.55 -2.20 -2.66
C MET A 167 11.06 -3.45 -3.39
N ALA A 168 11.92 -4.25 -2.76
CA ALA A 168 12.30 -5.51 -3.37
C ALA A 168 11.10 -6.42 -3.55
N TRP A 169 10.25 -6.52 -2.54
CA TRP A 169 9.02 -7.30 -2.64
C TRP A 169 8.08 -6.71 -3.70
N SER A 170 8.00 -5.38 -3.77
CA SER A 170 7.18 -4.74 -4.79
C SER A 170 7.69 -5.05 -6.19
N TRP A 171 9.02 -5.01 -6.36
CA TRP A 171 9.62 -5.30 -7.67
C TRP A 171 9.23 -6.67 -8.18
N GLY A 172 9.18 -7.67 -7.31
CA GLY A 172 8.77 -9.00 -7.76
C GLY A 172 7.34 -9.05 -8.24
N ILE A 173 6.45 -8.28 -7.60
CA ILE A 173 5.07 -8.19 -8.09
C ILE A 173 5.05 -7.59 -9.49
N SER A 174 5.86 -6.55 -9.72
CA SER A 174 5.96 -5.97 -11.06
C SER A 174 6.40 -7.00 -12.09
N ARG A 175 7.34 -7.87 -11.71
CA ARG A 175 7.82 -8.89 -12.64
C ARG A 175 6.77 -9.97 -12.89
N ILE A 176 5.98 -10.34 -11.87
CA ILE A 176 4.84 -11.23 -12.10
C ILE A 176 3.88 -10.59 -13.10
N LEU A 177 3.62 -9.30 -12.94
CA LEU A 177 2.73 -8.61 -13.87
C LEU A 177 3.31 -8.56 -15.28
N ASP A 178 4.62 -8.33 -15.39
CA ASP A 178 5.30 -8.43 -16.69
C ASP A 178 5.04 -9.80 -17.33
N ALA A 179 5.23 -10.87 -16.56
CA ALA A 179 5.01 -12.22 -17.09
C ALA A 179 3.57 -12.37 -17.57
N LEU A 180 2.62 -11.82 -16.82
CA LEU A 180 1.22 -11.87 -17.24
C LEU A 180 1.03 -11.19 -18.59
N TYR A 181 1.56 -9.96 -18.73
CA TYR A 181 1.45 -9.25 -20.01
C TYR A 181 2.21 -9.97 -21.12
N ASN A 182 3.30 -10.66 -20.78
CA ASN A 182 4.17 -11.32 -21.76
C ASN A 182 3.65 -12.69 -22.20
N GLY A 183 2.46 -13.10 -21.77
CA GLY A 183 1.92 -14.37 -22.23
C GLY A 183 1.18 -15.17 -21.17
N ALA A 184 1.56 -15.00 -19.90
CA ALA A 184 0.97 -15.85 -18.87
C ALA A 184 -0.51 -15.57 -18.67
N ALA A 185 -0.95 -14.33 -18.86
CA ALA A 185 -2.36 -14.01 -18.66
C ALA A 185 -3.23 -14.75 -19.65
N LYS A 186 -2.82 -14.78 -20.93
CA LYS A 186 -3.57 -15.54 -21.92
C LYS A 186 -3.62 -17.02 -21.55
N GLU A 187 -2.51 -17.58 -21.08
CA GLU A 187 -2.49 -19.00 -20.70
C GLU A 187 -3.43 -19.28 -19.54
N LEU A 188 -3.61 -18.32 -18.63
CA LEU A 188 -4.37 -18.52 -17.41
C LEU A 188 -5.77 -17.94 -17.48
N ASN A 189 -6.17 -17.38 -18.62
CA ASN A 189 -7.48 -16.73 -18.77
C ASN A 189 -7.67 -15.60 -17.76
N ILE A 190 -6.68 -14.71 -17.72
CA ILE A 190 -6.65 -13.56 -16.82
C ILE A 190 -6.58 -12.30 -17.68
N ASN A 191 -7.28 -11.25 -17.24
CA ASN A 191 -7.13 -9.94 -17.85
C ASN A 191 -6.05 -9.19 -17.09
N PRO A 192 -4.85 -9.01 -17.66
CA PRO A 192 -3.76 -8.40 -16.88
C PRO A 192 -3.98 -6.92 -16.59
N ASP A 193 -4.86 -6.24 -17.32
CA ASP A 193 -5.19 -4.86 -16.99
C ASP A 193 -6.03 -4.74 -15.72
N SER A 194 -6.75 -5.80 -15.35
CA SER A 194 -7.63 -5.78 -14.18
C SER A 194 -6.88 -6.35 -12.97
N SER A 195 -5.90 -5.57 -12.52
CA SER A 195 -4.92 -6.00 -11.54
C SER A 195 -5.16 -5.33 -10.19
N ILE A 196 -4.91 -6.09 -9.12
CA ILE A 196 -5.04 -5.64 -7.74
C ILE A 196 -3.79 -6.16 -7.02
N VAL A 197 -3.24 -5.36 -6.09
CA VAL A 197 -2.15 -5.82 -5.24
C VAL A 197 -2.57 -5.74 -3.77
N THR A 198 -2.25 -6.78 -2.99
CA THR A 198 -2.62 -6.84 -1.59
C THR A 198 -1.54 -7.57 -0.78
N GLY A 199 -1.64 -7.39 0.53
CA GLY A 199 -0.74 -8.01 1.50
C GLY A 199 -1.08 -7.46 2.88
N VAL A 200 -0.56 -8.14 3.91
CA VAL A 200 -0.96 -7.88 5.29
C VAL A 200 0.24 -7.47 6.15
N SER A 201 0.03 -6.45 7.00
CA SER A 201 0.98 -6.07 8.05
C SER A 201 2.28 -5.57 7.41
N ARG A 202 3.45 -6.19 7.68
CA ARG A 202 4.63 -5.73 6.97
C ARG A 202 4.45 -5.83 5.46
N TYR A 203 3.67 -6.82 5.00
CA TYR A 203 3.39 -6.96 3.58
C TYR A 203 2.25 -6.06 3.12
N GLY A 204 1.52 -5.45 4.06
CA GLY A 204 0.60 -4.36 3.79
C GLY A 204 1.38 -3.07 3.55
N LYS A 205 2.43 -2.84 4.33
CA LYS A 205 3.35 -1.77 3.98
C LYS A 205 3.90 -2.00 2.58
N ALA A 206 4.32 -3.24 2.29
CA ALA A 206 4.83 -3.55 0.96
C ALA A 206 3.79 -3.30 -0.13
N ALA A 207 2.54 -3.70 0.11
CA ALA A 207 1.50 -3.48 -0.90
C ALA A 207 1.25 -2.01 -1.16
N SER A 208 1.32 -1.17 -0.11
CA SER A 208 1.15 0.27 -0.28
C SER A 208 2.26 0.85 -1.14
N VAL A 209 3.50 0.43 -0.87
CA VAL A 209 4.65 0.84 -1.68
C VAL A 209 4.48 0.36 -3.11
N CYS A 210 4.04 -0.89 -3.29
CA CYS A 210 3.92 -1.48 -4.63
C CYS A 210 2.91 -0.71 -5.48
N GLY A 211 1.74 -0.42 -4.93
CA GLY A 211 0.76 0.37 -5.66
C GLY A 211 1.23 1.78 -5.94
N ALA A 212 1.95 2.37 -4.99
CA ALA A 212 2.43 3.73 -5.15
C ALA A 212 3.43 3.86 -6.28
N PHE A 213 4.26 2.83 -6.50
CA PHE A 213 5.38 2.93 -7.44
C PHE A 213 5.14 2.19 -8.76
N ASP A 214 4.41 1.08 -8.77
CA ASP A 214 4.03 0.43 -10.03
C ASP A 214 2.62 0.89 -10.36
N THR A 215 2.54 2.00 -11.09
CA THR A 215 1.25 2.62 -11.33
C THR A 215 0.42 1.92 -12.40
N ARG A 216 0.91 0.80 -12.95
CA ARG A 216 0.08 -0.03 -13.83
C ARG A 216 -1.01 -0.76 -13.05
N ILE A 217 -0.78 -1.03 -11.76
CA ILE A 217 -1.69 -1.86 -10.99
C ILE A 217 -2.98 -1.09 -10.73
N LYS A 218 -4.11 -1.65 -11.14
CA LYS A 218 -5.34 -0.86 -11.19
C LYS A 218 -5.87 -0.53 -9.79
N MET A 219 -5.81 -1.47 -8.85
CA MET A 219 -6.26 -1.21 -7.48
C MET A 219 -5.23 -1.68 -6.47
N CYS A 220 -4.90 -0.80 -5.53
CA CYS A 220 -3.98 -1.10 -4.43
C CYS A 220 -4.83 -1.35 -3.18
N ALA A 221 -4.60 -2.48 -2.51
CA ALA A 221 -5.44 -2.91 -1.39
C ALA A 221 -4.62 -3.34 -0.18
N PRO A 222 -3.95 -2.39 0.48
CA PRO A 222 -3.08 -2.75 1.62
C PRO A 222 -3.88 -3.01 2.90
N SER A 223 -3.56 -4.11 3.58
CA SER A 223 -4.30 -4.53 4.77
C SER A 223 -3.44 -4.38 6.03
N CYS A 224 -4.01 -3.69 7.02
CA CYS A 224 -3.44 -3.64 8.37
C CYS A 224 -1.98 -3.19 8.35
N SER A 225 -1.69 -2.15 7.56
CA SER A 225 -0.30 -1.83 7.24
C SER A 225 0.42 -1.05 8.35
N GLY A 226 -0.30 -0.31 9.20
CA GLY A 226 0.31 0.29 10.38
C GLY A 226 1.42 1.29 10.09
N ALA A 227 2.36 1.36 11.04
CA ALA A 227 3.42 2.36 11.00
C ALA A 227 4.37 2.09 9.84
N GLY A 228 4.72 3.14 9.08
CA GLY A 228 5.49 2.95 7.88
C GLY A 228 4.71 2.44 6.69
N GLY A 229 3.43 2.13 6.88
CA GLY A 229 2.48 1.88 5.82
C GLY A 229 1.58 3.10 5.70
N LEU A 230 0.29 2.94 5.92
CA LEU A 230 -0.65 4.06 5.76
C LEU A 230 -1.02 4.78 7.05
N ALA A 231 -0.56 4.35 8.21
CA ALA A 231 -0.81 5.12 9.44
C ALA A 231 -0.03 6.44 9.38
N LEU A 232 -0.66 7.53 9.86
CA LEU A 232 0.12 8.74 10.08
C LEU A 232 1.16 8.52 11.17
N TYR A 233 2.41 8.88 10.88
CA TYR A 233 3.43 8.89 11.92
C TYR A 233 3.07 9.83 13.06
N ARG A 234 2.35 10.91 12.77
CA ARG A 234 2.08 11.94 13.76
C ARG A 234 0.82 11.72 14.58
N TYR A 235 0.04 10.66 14.35
CA TYR A 235 -1.20 10.45 15.09
C TYR A 235 -1.11 9.22 15.98
N SER A 236 -1.28 9.43 17.29
CA SER A 236 -1.27 8.36 18.28
C SER A 236 -2.69 8.16 18.80
N SER A 237 -3.13 6.91 18.84
CA SER A 237 -4.41 6.54 19.42
C SER A 237 -4.28 5.87 20.79
N VAL A 238 -3.07 5.79 21.35
CA VAL A 238 -2.90 5.16 22.65
CA VAL A 238 -2.90 5.16 22.65
C VAL A 238 -3.76 5.87 23.69
N GLY A 239 -4.51 5.09 24.47
CA GLY A 239 -5.36 5.63 25.51
C GLY A 239 -6.69 6.15 25.05
N LYS A 240 -6.95 6.18 23.74
CA LYS A 240 -8.26 6.58 23.24
C LYS A 240 -9.25 5.43 23.35
N THR A 241 -10.52 5.76 23.60
CA THR A 241 -11.57 4.77 23.82
C THR A 241 -12.64 4.91 22.75
N TYR A 242 -13.05 3.77 22.18
CA TYR A 242 -13.98 3.75 21.07
C TYR A 242 -15.15 2.82 21.38
N ASP A 243 -16.30 3.15 20.79
CA ASP A 243 -17.46 2.27 20.78
C ASP A 243 -17.47 1.51 19.45
N PHE A 244 -17.17 0.22 19.50
CA PHE A 244 -17.16 -0.63 18.32
C PHE A 244 -18.39 -1.53 18.23
N SER A 245 -19.44 -1.25 19.03
CA SER A 245 -20.58 -2.16 19.08
C SER A 245 -21.33 -2.24 17.76
N SER A 246 -21.31 -1.17 16.96
CA SER A 246 -21.95 -1.24 15.64
C SER A 246 -21.28 -2.26 14.71
N LYS A 247 -20.04 -2.64 15.00
CA LYS A 247 -19.32 -3.66 14.25
C LYS A 247 -19.33 -5.02 14.95
N GLY A 248 -20.05 -5.14 16.07
CA GLY A 248 -20.02 -6.34 16.86
C GLY A 248 -18.92 -6.42 17.88
N GLY A 249 -18.12 -5.36 18.03
CA GLY A 249 -17.07 -5.32 19.02
C GLY A 249 -17.56 -4.72 20.33
N SER A 250 -16.60 -4.41 21.19
CA SER A 250 -16.88 -3.87 22.51
C SER A 250 -17.44 -2.45 22.42
N SER A 251 -18.32 -2.12 23.38
CA SER A 251 -18.90 -0.79 23.47
C SER A 251 -17.96 0.24 24.10
N SER A 252 -16.82 -0.20 24.63
CA SER A 252 -15.85 0.70 25.27
C SER A 252 -14.48 0.03 25.18
N TYR A 253 -13.79 0.25 24.06
CA TYR A 253 -12.51 -0.39 23.76
C TYR A 253 -11.41 0.66 23.79
N THR A 254 -10.41 0.46 24.65
CA THR A 254 -9.33 1.43 24.83
C THR A 254 -8.04 0.89 24.19
N TYR A 255 -7.49 1.67 23.25
CA TYR A 255 -6.27 1.25 22.57
C TYR A 255 -5.08 1.28 23.52
N LYS A 256 -4.27 0.22 23.43
CA LYS A 256 -2.94 0.20 24.02
C LYS A 256 -1.95 0.79 23.02
N GLU A 257 -0.69 0.40 23.11
N GLU A 257 -0.70 0.37 23.10
CA GLU A 257 0.38 1.10 22.41
CA GLU A 257 0.38 1.09 22.42
C GLU A 257 0.25 0.95 20.90
C GLU A 257 0.32 0.93 20.90
N ASN A 258 0.67 2.00 20.19
CA ASN A 258 0.88 2.00 18.75
C ASN A 258 2.37 1.86 18.49
N GLU A 259 2.71 1.28 17.34
CA GLU A 259 4.12 1.14 17.00
C GLU A 259 4.75 2.52 16.78
N PRO A 260 5.90 2.81 17.44
CA PRO A 260 6.58 4.10 17.28
C PRO A 260 7.74 4.03 16.29
N LEU A 261 8.33 5.20 15.98
CA LEU A 261 9.36 5.26 14.95
C LEU A 261 10.54 4.35 15.25
N GLY A 262 10.96 4.29 16.52
CA GLY A 262 12.15 3.51 16.84
C GLY A 262 11.99 2.02 16.60
N SER A 263 10.75 1.52 16.64
CA SER A 263 10.52 0.11 16.35
C SER A 263 10.77 -0.21 14.87
N LEU A 264 10.42 0.73 13.98
CA LEU A 264 10.71 0.56 12.56
C LEU A 264 12.21 0.61 12.26
N GLN A 265 12.99 1.27 13.12
CA GLN A 265 14.42 1.41 12.96
C GLN A 265 15.22 0.30 13.64
N ALA A 266 14.54 -0.61 14.34
CA ALA A 266 15.22 -1.70 15.03
C ALA A 266 15.70 -2.75 14.02
N SER A 267 16.59 -3.64 14.48
CA SER A 267 17.24 -4.59 13.56
C SER A 267 16.23 -5.45 12.79
N GLY A 268 15.12 -5.82 13.42
CA GLY A 268 14.13 -6.67 12.80
C GLY A 268 13.19 -6.00 11.83
N GLU A 269 13.29 -4.68 11.65
CA GLU A 269 12.41 -3.93 10.75
C GLU A 269 13.14 -2.97 9.82
N GLN A 270 14.36 -2.54 10.17
CA GLN A 270 15.04 -1.51 9.40
C GLN A 270 15.33 -1.96 7.97
N GLY A 271 15.46 -3.27 7.74
CA GLY A 271 15.73 -3.76 6.40
C GLY A 271 14.64 -3.43 5.41
N TRP A 272 13.43 -3.14 5.90
CA TRP A 272 12.32 -2.76 5.04
C TRP A 272 12.50 -1.39 4.40
N PHE A 273 13.31 -0.53 5.03
CA PHE A 273 13.51 0.87 4.65
C PHE A 273 14.89 1.04 4.02
N ASN A 274 15.31 2.29 3.78
CA ASN A 274 16.65 2.55 3.27
C ASN A 274 17.56 3.04 4.40
N GLY A 275 18.83 3.30 4.06
CA GLY A 275 19.77 3.78 5.06
C GLY A 275 19.45 5.18 5.57
N ARG A 276 18.98 6.07 4.70
CA ARG A 276 18.67 7.43 5.11
C ARG A 276 17.56 7.46 6.15
N PHE A 277 16.61 6.53 6.08
CA PHE A 277 15.54 6.45 7.07
C PHE A 277 16.08 6.37 8.50
N MET A 278 17.25 5.74 8.68
CA MET A 278 17.84 5.60 10.01
C MET A 278 18.30 6.92 10.61
N GLU A 279 18.41 7.97 9.80
CA GLU A 279 18.84 9.27 10.31
C GLU A 279 17.73 10.02 11.05
N PHE A 280 16.47 9.66 10.82
CA PHE A 280 15.38 10.36 11.48
C PHE A 280 15.36 10.03 12.97
N ARG A 281 15.06 11.04 13.78
CA ARG A 281 14.93 10.89 15.22
C ARG A 281 13.53 11.10 15.73
N ASN A 282 12.69 11.86 15.03
CA ASN A 282 11.34 12.15 15.47
C ASN A 282 10.41 12.21 14.27
N ALA A 283 9.18 11.71 14.46
CA ALA A 283 8.18 11.75 13.40
C ALA A 283 7.97 13.15 12.86
N GLU A 284 8.13 14.17 13.71
CA GLU A 284 7.90 15.54 13.27
C GLU A 284 8.89 16.01 12.21
N GLN A 285 10.00 15.30 12.01
CA GLN A 285 10.98 15.66 11.00
C GLN A 285 10.58 15.27 9.59
N PHE A 286 9.70 14.28 9.43
CA PHE A 286 9.41 13.80 8.07
C PHE A 286 8.81 14.94 7.24
N PRO A 287 9.29 15.18 6.03
CA PRO A 287 8.69 16.20 5.17
C PRO A 287 7.45 15.69 4.43
N MET A 288 6.77 14.73 5.05
CA MET A 288 5.57 14.09 4.52
C MET A 288 4.86 13.44 5.69
N ASP A 289 3.65 12.96 5.44
CA ASP A 289 3.06 11.92 6.28
C ASP A 289 2.28 10.99 5.34
N GLN A 290 1.74 9.91 5.88
CA GLN A 290 1.41 8.76 5.04
C GLN A 290 0.11 8.94 4.25
N HIS A 291 -0.65 10.01 4.48
CA HIS A 291 -1.67 10.39 3.51
C HIS A 291 -1.04 10.64 2.13
N MET A 292 0.22 11.08 2.10
CA MET A 292 0.91 11.35 0.84
C MET A 292 1.36 10.07 0.15
N LEU A 293 1.77 9.04 0.92
CA LEU A 293 2.04 7.74 0.32
C LEU A 293 0.78 7.19 -0.33
N GLY A 294 -0.34 7.23 0.37
CA GLY A 294 -1.60 6.80 -0.23
C GLY A 294 -1.93 7.58 -1.49
N ALA A 295 -1.68 8.90 -1.47
CA ALA A 295 -2.00 9.77 -2.61
C ALA A 295 -1.19 9.44 -3.86
N LEU A 296 -0.09 8.67 -3.74
CA LEU A 296 0.63 8.20 -4.92
C LEU A 296 -0.22 7.25 -5.75
N CYS A 297 -1.33 6.76 -5.22
CA CYS A 297 -2.27 5.90 -5.93
C CYS A 297 -3.49 6.68 -6.44
N CYS A 298 -3.51 7.99 -6.30
CA CYS A 298 -4.62 8.81 -6.77
C CYS A 298 -4.46 9.05 -8.27
N ASP A 299 -5.39 8.52 -9.06
CA ASP A 299 -5.30 8.60 -10.52
C ASP A 299 -6.66 8.24 -11.11
N PRO A 300 -7.09 8.91 -12.19
CA PRO A 300 -8.44 8.63 -12.74
C PRO A 300 -8.65 7.19 -13.18
N ASP A 301 -7.59 6.43 -13.43
CA ASP A 301 -7.71 5.05 -13.89
C ASP A 301 -7.39 4.04 -12.79
N ARG A 302 -7.23 4.48 -11.54
CA ARG A 302 -6.78 3.62 -10.46
C ARG A 302 -7.63 3.83 -9.20
N TYR A 303 -7.42 2.92 -8.23
CA TYR A 303 -8.23 2.87 -7.02
C TYR A 303 -7.36 2.47 -5.84
N LEU A 304 -7.70 2.99 -4.66
CA LEU A 304 -7.05 2.61 -3.41
C LEU A 304 -8.13 2.12 -2.45
N PHE A 305 -7.94 0.91 -1.93
CA PHE A 305 -8.90 0.22 -1.05
C PHE A 305 -8.16 -0.18 0.23
N ILE A 306 -8.38 0.57 1.30
CA ILE A 306 -7.64 0.41 2.55
C ILE A 306 -8.39 -0.56 3.46
N ILE A 307 -7.67 -1.52 4.05
CA ILE A 307 -8.26 -2.47 5.00
C ILE A 307 -7.58 -2.30 6.37
N GLY A 308 -8.38 -2.35 7.43
CA GLY A 308 -7.83 -2.38 8.79
C GLY A 308 -8.84 -3.00 9.74
N SER A 309 -8.47 -3.02 11.03
CA SER A 309 -9.29 -3.69 12.05
C SER A 309 -9.54 -2.78 13.26
N CYS A 310 -10.73 -2.91 13.85
CA CYS A 310 -11.04 -2.18 15.07
C CYS A 310 -10.25 -2.71 16.25
N GLU A 311 -10.29 -4.03 16.47
CA GLU A 311 -9.87 -4.63 17.73
C GLU A 311 -8.75 -5.63 17.54
N SER A 312 -7.97 -5.82 18.61
CA SER A 312 -6.99 -6.88 18.80
C SER A 312 -5.69 -6.65 18.05
N GLU A 313 -5.47 -5.46 17.49
CA GLU A 313 -4.22 -5.17 16.80
C GLU A 313 -3.87 -3.69 16.95
N ASP A 314 -3.83 -3.22 18.20
CA ASP A 314 -3.66 -1.80 18.48
C ASP A 314 -2.33 -1.28 17.93
N TRP A 315 -1.31 -2.14 17.88
CA TRP A 315 0.02 -1.77 17.40
C TRP A 315 0.01 -1.19 15.99
N VAL A 316 -0.92 -1.65 15.13
CA VAL A 316 -0.97 -1.16 13.75
C VAL A 316 -1.96 -0.01 13.56
N ASN A 317 -2.54 0.49 14.65
CA ASN A 317 -3.04 1.88 14.69
C ASN A 317 -4.06 2.20 13.61
N ALA A 318 -5.12 1.38 13.52
CA ALA A 318 -6.22 1.71 12.62
C ALA A 318 -6.76 3.12 12.76
N PRO A 319 -6.90 3.72 13.96
CA PRO A 319 -7.38 5.12 14.01
C PRO A 319 -6.48 6.07 13.23
N SER A 320 -5.16 5.85 13.26
CA SER A 320 -4.26 6.71 12.51
C SER A 320 -4.34 6.46 11.00
N VAL A 321 -4.57 5.20 10.59
CA VAL A 321 -4.84 4.91 9.17
C VAL A 321 -6.11 5.65 8.72
N TRP A 322 -7.15 5.63 9.57
CA TRP A 322 -8.37 6.38 9.29
C TRP A 322 -8.06 7.87 9.11
N MET A 323 -7.23 8.45 9.97
CA MET A 323 -6.88 9.86 9.83
CA MET A 323 -6.88 9.85 9.83
C MET A 323 -6.15 10.10 8.52
N ALA A 324 -5.23 9.21 8.15
CA ALA A 324 -4.54 9.35 6.87
C ALA A 324 -5.54 9.30 5.71
N TYR A 325 -6.51 8.40 5.79
CA TYR A 325 -7.57 8.33 4.78
C TYR A 325 -8.33 9.65 4.68
N LEU A 326 -8.66 10.27 5.82
CA LEU A 326 -9.32 11.58 5.78
C LEU A 326 -8.46 12.60 5.05
N GLY A 327 -7.15 12.59 5.28
CA GLY A 327 -6.26 13.47 4.54
C GLY A 327 -6.28 13.18 3.05
N MET A 328 -6.24 11.89 2.69
CA MET A 328 -6.30 11.50 1.28
C MET A 328 -7.55 12.00 0.59
N LYS A 329 -8.67 12.08 1.33
CA LYS A 329 -9.92 12.54 0.71
C LYS A 329 -9.77 13.92 0.07
N HIS A 330 -8.91 14.78 0.64
CA HIS A 330 -8.68 16.10 0.05
C HIS A 330 -8.10 15.98 -1.35
N VAL A 331 -7.14 15.08 -1.54
CA VAL A 331 -6.48 14.93 -2.82
C VAL A 331 -7.43 14.34 -3.85
N TRP A 332 -8.12 13.26 -3.48
CA TRP A 332 -9.04 12.62 -4.40
C TRP A 332 -10.18 13.56 -4.80
N ASP A 333 -10.64 14.40 -3.87
CA ASP A 333 -11.69 15.35 -4.21
C ASP A 333 -11.17 16.44 -5.14
N TYR A 334 -9.94 16.93 -4.89
CA TYR A 334 -9.37 17.97 -5.73
C TYR A 334 -9.27 17.52 -7.18
N VAL A 335 -8.92 16.24 -7.39
CA VAL A 335 -8.80 15.66 -8.73
C VAL A 335 -10.15 15.28 -9.32
N GLY A 336 -11.21 15.32 -8.52
CA GLY A 336 -12.53 15.01 -9.03
C GLY A 336 -12.89 13.55 -9.09
N ILE A 337 -12.23 12.70 -8.32
CA ILE A 337 -12.45 11.25 -8.38
C ILE A 337 -12.63 10.68 -6.97
N SER A 338 -13.47 11.35 -6.15
CA SER A 338 -13.62 10.97 -4.75
C SER A 338 -13.95 9.48 -4.57
N ASP A 339 -14.77 8.90 -5.45
CA ASP A 339 -15.18 7.51 -5.25
C ASP A 339 -14.10 6.48 -5.59
N HIS A 340 -12.92 6.92 -6.07
CA HIS A 340 -11.80 6.02 -6.32
C HIS A 340 -10.99 5.70 -5.06
N LEU A 341 -11.42 6.21 -3.92
CA LEU A 341 -10.79 5.95 -2.63
C LEU A 341 -11.81 5.25 -1.72
N ALA A 342 -11.41 4.12 -1.14
CA ALA A 342 -12.32 3.30 -0.35
C ALA A 342 -11.60 2.75 0.88
N ILE A 343 -12.38 2.42 1.91
CA ILE A 343 -11.83 1.92 3.18
C ILE A 343 -12.81 0.95 3.82
N ASN A 344 -12.27 -0.17 4.31
CA ASN A 344 -13.04 -1.15 5.08
C ASN A 344 -12.32 -1.39 6.41
N ILE A 345 -12.81 -0.78 7.49
CA ILE A 345 -12.32 -1.10 8.83
C ILE A 345 -13.25 -2.16 9.40
N HIS A 346 -12.84 -3.42 9.30
CA HIS A 346 -13.62 -4.54 9.79
C HIS A 346 -13.41 -4.73 11.30
N LYS A 347 -14.24 -5.57 11.92
CA LYS A 347 -14.19 -5.71 13.38
C LYS A 347 -12.82 -6.18 13.86
N SER A 348 -12.32 -7.27 13.28
CA SER A 348 -11.08 -7.89 13.73
C SER A 348 -10.57 -8.85 12.67
N GLY A 349 -9.30 -9.23 12.81
CA GLY A 349 -8.64 -10.08 11.83
C GLY A 349 -7.46 -9.34 11.22
N HIS A 350 -6.26 -9.72 11.64
CA HIS A 350 -5.02 -9.12 11.15
C HIS A 350 -4.69 -9.86 9.85
N ALA A 351 -5.38 -9.47 8.78
CA ALA A 351 -5.54 -10.37 7.65
C ALA A 351 -6.36 -9.69 6.57
N VAL A 352 -6.41 -10.33 5.40
CA VAL A 352 -7.42 -10.10 4.39
C VAL A 352 -8.46 -11.20 4.61
N ILE A 353 -9.62 -10.84 5.13
CA ILE A 353 -10.64 -11.80 5.51
C ILE A 353 -11.72 -11.88 4.44
N ALA A 354 -12.65 -12.82 4.60
CA ALA A 354 -13.62 -13.08 3.55
C ALA A 354 -14.41 -11.82 3.17
N GLU A 355 -14.85 -11.04 4.16
CA GLU A 355 -15.63 -9.86 3.81
C GLU A 355 -14.79 -8.82 3.06
N ASP A 356 -13.48 -8.77 3.31
CA ASP A 356 -12.64 -7.84 2.57
C ASP A 356 -12.64 -8.18 1.08
N ILE A 357 -12.46 -9.47 0.75
CA ILE A 357 -12.51 -9.89 -0.65
C ILE A 357 -13.89 -9.62 -1.24
N GLU A 358 -14.95 -9.97 -0.50
CA GLU A 358 -16.30 -9.78 -1.04
C GLU A 358 -16.55 -8.32 -1.39
N LYS A 359 -16.11 -7.41 -0.53
CA LYS A 359 -16.35 -5.99 -0.76
C LYS A 359 -15.41 -5.43 -1.83
N MET A 360 -14.15 -5.90 -1.87
CA MET A 360 -13.26 -5.54 -2.97
C MET A 360 -13.85 -5.94 -4.31
N VAL A 361 -14.43 -7.14 -4.39
CA VAL A 361 -15.00 -7.63 -5.65
C VAL A 361 -16.19 -6.77 -6.08
N GLN A 362 -17.09 -6.47 -5.15
CA GLN A 362 -18.25 -5.65 -5.54
C GLN A 362 -17.80 -4.26 -5.97
N TYR A 363 -16.82 -3.69 -5.27
CA TYR A 363 -16.32 -2.36 -5.59
C TYR A 363 -15.63 -2.35 -6.96
N PHE A 364 -14.71 -3.28 -7.16
CA PHE A 364 -13.97 -3.35 -8.43
C PHE A 364 -14.89 -3.71 -9.60
N ASP A 365 -15.82 -4.66 -9.39
CA ASP A 365 -16.77 -5.01 -10.45
C ASP A 365 -17.57 -3.78 -10.87
N TYR A 366 -17.98 -2.95 -9.92
CA TYR A 366 -18.77 -1.77 -10.26
C TYR A 366 -17.95 -0.75 -11.05
N HIS A 367 -16.77 -0.38 -10.52
CA HIS A 367 -16.01 0.70 -11.14
C HIS A 367 -15.36 0.28 -12.45
N VAL A 368 -14.90 -0.96 -12.53
CA VAL A 368 -14.16 -1.40 -13.70
C VAL A 368 -15.07 -2.03 -14.75
N TYR A 369 -16.15 -2.69 -14.33
CA TYR A 369 -17.01 -3.42 -15.24
C TYR A 369 -18.45 -2.91 -15.31
N GLY A 370 -18.84 -1.94 -14.48
CA GLY A 370 -20.21 -1.47 -14.49
C GLY A 370 -21.22 -2.42 -13.90
N ILE A 371 -20.79 -3.46 -13.19
CA ILE A 371 -21.69 -4.41 -12.56
C ILE A 371 -22.28 -3.78 -11.31
N GLN A 372 -23.60 -3.72 -11.25
CA GLN A 372 -24.26 -3.09 -10.09
C GLN A 372 -24.00 -3.91 -8.84
N PRO A 373 -23.62 -3.29 -7.73
CA PRO A 373 -23.33 -4.04 -6.50
C PRO A 373 -24.62 -4.41 -5.77
N LYS A 374 -24.51 -5.47 -4.97
CA LYS A 374 -25.58 -5.80 -4.03
C LYS A 374 -25.47 -4.95 -2.77
N MET A 375 -24.27 -4.71 -2.29
CA MET A 375 -24.02 -3.91 -1.10
C MET A 375 -24.15 -2.42 -1.41
N ASN A 376 -24.26 -1.62 -0.36
CA ASN A 376 -24.20 -0.17 -0.46
C ASN A 376 -22.74 0.24 -0.42
N LEU A 377 -22.20 0.69 -1.57
CA LEU A 377 -20.79 1.07 -1.62
C LEU A 377 -20.48 2.31 -0.79
N GLU A 378 -21.49 3.05 -0.33
CA GLU A 378 -21.26 4.14 0.60
C GLU A 378 -20.63 3.66 1.90
N GLU A 379 -20.82 2.39 2.25
CA GLU A 379 -20.20 1.85 3.47
C GLU A 379 -18.68 1.90 3.41
N LEU A 380 -18.10 1.89 2.21
CA LEU A 380 -16.66 1.97 2.00
C LEU A 380 -16.15 3.41 1.94
N GLN A 381 -17.03 4.38 2.22
CA GLN A 381 -16.66 5.79 2.23
C GLN A 381 -16.79 6.39 3.63
N THR A 382 -16.78 5.54 4.65
CA THR A 382 -16.84 5.95 6.05
C THR A 382 -16.37 4.76 6.87
N SER A 383 -16.41 4.91 8.19
CA SER A 383 -16.09 3.82 9.10
C SER A 383 -16.67 4.13 10.46
N VAL A 384 -16.51 3.18 11.38
CA VAL A 384 -16.95 3.36 12.76
C VAL A 384 -16.28 4.57 13.42
N PHE A 385 -15.10 4.98 12.95
CA PHE A 385 -14.43 6.15 13.52
C PHE A 385 -15.12 7.45 13.17
N ALA A 386 -16.04 7.44 12.21
CA ALA A 386 -16.79 8.65 11.86
C ALA A 386 -17.97 8.92 12.78
N LEU A 387 -18.39 7.95 13.59
CA LEU A 387 -19.49 8.19 14.52
C LEU A 387 -19.10 9.34 15.46
N PRO A 388 -19.96 10.34 15.65
CA PRO A 388 -19.59 11.49 16.51
C PRO A 388 -19.00 11.09 17.86
N LYS A 389 -19.52 10.06 18.50
CA LYS A 389 -19.02 9.64 19.80
C LYS A 389 -17.60 9.08 19.73
N ASN A 390 -17.14 8.69 18.54
CA ASN A 390 -15.79 8.17 18.33
C ASN A 390 -14.84 9.20 17.73
N LYS A 391 -15.32 10.39 17.42
CA LYS A 391 -14.55 11.38 16.69
C LYS A 391 -13.58 12.11 17.61
N ASP A 392 -12.33 12.21 17.18
CA ASP A 392 -11.35 13.11 17.78
C ASP A 392 -11.50 14.48 17.10
N SER A 393 -11.48 15.55 17.92
CA SER A 393 -11.50 16.89 17.33
C SER A 393 -10.36 17.10 16.35
N PHE A 394 -9.26 16.34 16.52
CA PHE A 394 -8.16 16.32 15.55
C PHE A 394 -8.66 16.14 14.13
N ALA A 395 -9.70 15.31 13.94
CA ALA A 395 -10.18 15.01 12.60
C ALA A 395 -10.64 16.27 11.86
N ASP A 396 -11.19 17.23 12.59
CA ASP A 396 -11.74 18.42 11.94
C ASP A 396 -10.74 19.57 11.87
N THR A 397 -9.57 19.45 12.49
CA THR A 397 -8.59 20.53 12.51
C THR A 397 -7.27 20.21 11.81
N PHE A 398 -6.92 18.94 11.60
CA PHE A 398 -5.57 18.64 11.16
C PHE A 398 -5.27 19.22 9.78
N ALA A 399 -6.29 19.38 8.93
CA ALA A 399 -6.09 19.89 7.59
C ALA A 399 -6.43 21.36 7.45
N SER A 400 -6.64 22.07 8.57
CA SER A 400 -7.18 23.43 8.52
CA SER A 400 -7.20 23.42 8.48
C SER A 400 -6.24 24.43 7.86
N LYS A 401 -4.93 24.17 7.86
CA LYS A 401 -3.98 25.06 7.21
C LYS A 401 -3.70 24.70 5.75
N TRP A 402 -4.30 23.63 5.23
CA TRP A 402 -3.99 23.19 3.88
C TRP A 402 -4.63 24.14 2.85
N LEU A 403 -4.03 24.17 1.66
CA LEU A 403 -4.54 25.03 0.60
C LEU A 403 -5.94 24.61 0.16
N TYR A 404 -6.25 23.31 0.23
CA TYR A 404 -7.52 22.78 -0.21
C TYR A 404 -8.17 22.07 0.96
N ASP A 405 -9.08 22.76 1.65
CA ASP A 405 -9.77 22.23 2.82
C ASP A 405 -11.24 22.60 2.72
N PRO A 406 -11.95 22.08 1.70
CA PRO A 406 -13.35 22.45 1.53
C PRO A 406 -14.21 21.80 2.59
N ALA A 407 -15.34 22.43 2.88
CA ALA A 407 -16.25 21.89 3.88
C ALA A 407 -16.96 20.65 3.36
N PHE A 408 -17.31 19.77 4.30
CA PHE A 408 -18.13 18.58 4.03
C PHE A 408 -17.41 17.52 3.19
N LEU A 409 -16.10 17.40 3.34
CA LEU A 409 -15.42 16.21 2.83
C LEU A 409 -15.59 15.03 3.76
N TYR A 410 -15.74 15.31 5.06
CA TYR A 410 -15.95 14.28 6.07
C TYR A 410 -16.39 14.98 7.36
C1 GOL B . 5.72 -5.12 13.00
O1 GOL B . 6.05 -4.38 14.12
C2 GOL B . 4.76 -4.25 12.18
O2 GOL B . 5.36 -3.09 11.72
C3 GOL B . 4.29 -5.14 11.02
O3 GOL B . 3.22 -4.42 10.48
C1 GOL C . -13.82 18.59 7.86
O1 GOL C . -13.50 19.11 9.11
C2 GOL C . -12.72 19.10 6.89
O2 GOL C . -12.67 20.50 6.86
C3 GOL C . -13.08 18.50 5.51
O3 GOL C . -14.28 19.09 5.10
#